data_1GAF
#
_entry.id   1GAF
#
_cell.length_a   140.260
_cell.length_b   44.850
_cell.length_c   85.450
_cell.angle_alpha   90.00
_cell.angle_beta   121.55
_cell.angle_gamma   90.00
#
_symmetry.space_group_name_H-M   'C 1 2 1'
#
loop_
_entity.id
_entity.type
_entity.pdbx_description
1 polymer 'CHIMERIC 48G7 FAB'
2 polymer 'CHIMERIC 48G7 FAB'
3 non-polymer '5-(PARA-NITROPHENYL PHOSPHONATE)-PENTANOIC ACID'
4 water water
#
loop_
_entity_poly.entity_id
_entity_poly.type
_entity_poly.pdbx_seq_one_letter_code
_entity_poly.pdbx_strand_id
1 'polypeptide(L)'
;DIQMTQSPSSLSASLGERVSLTCRASQEINGYLGWLQQKPDGTIKRLIYAASTLHSGVPKRFSGSRSGSDYSLTISSLES
EDFADYYCLQYASYPRTFGGGTKVEIKRTVAAPSVFIFPPSDEQLKSGTASVVCLLNNFYPREAKVQWKVDNALQSGNSQ
ESVTEQDSKDSTYSLSSTLTLSKADYEKHKVYACEVTHQGLSSPVTKSFNRGEC
;
L
2 'polypeptide(L)'
;QVQLQQSGAELVKPGASVKLSCTASGFNIKDTYMHWVKQRPKQGLEWIGRIDPANVDTKYDPKFQDKATITADTSSKTTY
LQLSSLTSEDTAVYYCASYYGIYWGQGTTLTVSSASTKGPSVFPLAPSSKSTSGGTAALGCLVKDYFPEPVTVSWNSGAL
TSGVHTFPAVLQSSGLYSLSSVVTVPSSSLGTQTYICNVNHKPSNTKVDKKVEPKSC
;
H
#
# COMPACT_ATOMS: atom_id res chain seq x y z
N ASP A 1 19.35 17.42 -16.18
CA ASP A 1 18.99 16.19 -15.41
C ASP A 1 18.48 15.16 -16.41
N ILE A 2 19.07 13.96 -16.37
CA ILE A 2 18.69 12.89 -17.29
C ILE A 2 17.39 12.21 -16.85
N GLN A 3 16.43 12.12 -17.76
CA GLN A 3 15.15 11.50 -17.45
C GLN A 3 15.05 10.07 -17.99
N MET A 4 14.54 9.17 -17.16
CA MET A 4 14.37 7.76 -17.53
C MET A 4 12.88 7.47 -17.71
N THR A 5 12.47 7.09 -18.90
CA THR A 5 11.07 6.78 -19.16
C THR A 5 10.91 5.25 -19.16
N GLN A 6 10.20 4.73 -18.16
CA GLN A 6 10.01 3.28 -18.02
C GLN A 6 8.65 2.82 -18.55
N SER A 7 8.66 1.77 -19.36
CA SER A 7 7.45 1.22 -19.93
C SER A 7 7.53 -0.30 -19.95
N PRO A 8 6.41 -0.99 -19.71
CA PRO A 8 5.09 -0.43 -19.40
C PRO A 8 5.03 -0.16 -17.90
N SER A 9 3.97 0.47 -17.43
CA SER A 9 3.85 0.74 -16.00
C SER A 9 3.18 -0.44 -15.28
N SER A 10 2.43 -1.24 -16.04
CA SER A 10 1.74 -2.41 -15.50
C SER A 10 1.87 -3.55 -16.48
N LEU A 11 1.93 -4.78 -15.96
CA LEU A 11 2.06 -5.95 -16.80
C LEU A 11 1.44 -7.16 -16.11
N SER A 12 0.57 -7.87 -16.83
CA SER A 12 -0.07 -9.08 -16.29
C SER A 12 0.55 -10.24 -17.07
N ALA A 13 1.06 -11.22 -16.35
CA ALA A 13 1.69 -12.36 -17.00
C ALA A 13 1.51 -13.65 -16.23
N SER A 14 1.64 -14.77 -16.96
CA SER A 14 1.50 -16.10 -16.40
C SER A 14 2.87 -16.67 -16.00
N LEU A 15 2.84 -17.67 -15.13
CA LEU A 15 4.06 -18.32 -14.67
C LEU A 15 4.70 -19.00 -15.88
N GLY A 16 6.01 -18.87 -16.01
CA GLY A 16 6.71 -19.49 -17.12
C GLY A 16 6.80 -18.64 -18.37
N GLU A 17 6.22 -17.45 -18.32
CA GLU A 17 6.22 -16.55 -19.47
C GLU A 17 7.49 -15.70 -19.50
N ARG A 18 7.90 -15.32 -20.71
CA ARG A 18 9.08 -14.48 -20.90
C ARG A 18 8.56 -13.05 -21.02
N VAL A 19 9.10 -12.14 -20.21
CA VAL A 19 8.67 -10.74 -20.23
C VAL A 19 9.87 -9.80 -20.31
N SER A 20 9.65 -8.61 -20.87
CA SER A 20 10.68 -7.59 -21.02
C SER A 20 10.17 -6.23 -20.57
N LEU A 21 10.99 -5.53 -19.79
CA LEU A 21 10.68 -4.21 -19.26
C LEU A 21 11.73 -3.28 -19.89
N THR A 22 11.34 -2.06 -20.22
CA THR A 22 12.27 -1.13 -20.87
C THR A 22 12.37 0.26 -20.25
N CYS A 23 13.57 0.85 -20.32
CA CYS A 23 13.82 2.20 -19.81
C CYS A 23 14.59 2.99 -20.86
N ARG A 24 14.02 4.11 -21.31
CA ARG A 24 14.68 4.95 -22.30
C ARG A 24 15.33 6.15 -21.62
N ALA A 25 16.58 6.41 -21.96
CA ALA A 25 17.33 7.53 -21.39
C ALA A 25 17.22 8.73 -22.31
N SER A 26 16.97 9.90 -21.74
CA SER A 26 16.85 11.13 -22.52
C SER A 26 18.20 11.59 -23.10
N GLN A 27 19.28 11.12 -22.49
CA GLN A 27 20.64 11.46 -22.92
C GLN A 27 21.51 10.19 -22.85
N GLU A 28 22.69 10.26 -23.45
CA GLU A 28 23.62 9.14 -23.45
C GLU A 28 24.08 8.84 -22.03
N ILE A 29 23.92 7.58 -21.60
CA ILE A 29 24.35 7.18 -20.26
C ILE A 29 25.46 6.11 -20.30
N ASN A 30 25.84 5.73 -21.52
CA ASN A 30 26.91 4.78 -21.78
C ASN A 30 26.95 3.52 -20.91
N GLY A 31 25.89 2.74 -20.93
CA GLY A 31 25.85 1.50 -20.17
C GLY A 31 25.70 1.61 -18.66
N TYR A 32 25.79 2.81 -18.13
CA TYR A 32 25.63 2.99 -16.70
C TYR A 32 24.13 2.91 -16.43
N LEU A 33 23.67 1.78 -15.91
CA LEU A 33 22.26 1.60 -15.58
C LEU A 33 22.08 0.36 -14.69
N GLY A 34 21.31 0.52 -13.63
CA GLY A 34 21.05 -0.59 -12.72
C GLY A 34 19.57 -0.89 -12.68
N TRP A 35 19.22 -2.11 -12.26
CA TRP A 35 17.82 -2.52 -12.15
C TRP A 35 17.59 -3.01 -10.73
N LEU A 36 16.46 -2.62 -10.15
CA LEU A 36 16.10 -2.98 -8.77
C LEU A 36 14.72 -3.65 -8.71
N GLN A 37 14.52 -4.46 -7.68
CA GLN A 37 13.26 -5.15 -7.48
C GLN A 37 12.77 -4.80 -6.08
N GLN A 38 11.48 -4.50 -5.96
CA GLN A 38 10.91 -4.19 -4.66
C GLN A 38 9.75 -5.17 -4.42
N LYS A 39 9.85 -5.96 -3.37
CA LYS A 39 8.82 -6.92 -3.02
C LYS A 39 7.69 -6.19 -2.31
N PRO A 40 6.50 -6.81 -2.23
CA PRO A 40 5.37 -6.17 -1.56
C PRO A 40 5.58 -5.80 -0.09
N ASP A 41 6.63 -6.33 0.54
CA ASP A 41 6.90 -6.01 1.94
C ASP A 41 7.82 -4.79 2.05
N GLY A 42 8.16 -4.20 0.91
CA GLY A 42 9.02 -3.03 0.90
C GLY A 42 10.50 -3.28 0.74
N THR A 43 10.90 -4.54 0.72
CA THR A 43 12.30 -4.90 0.58
C THR A 43 12.82 -4.60 -0.83
N ILE A 44 13.93 -3.87 -0.91
CA ILE A 44 14.53 -3.53 -2.18
C ILE A 44 15.85 -4.28 -2.36
N LYS A 45 16.07 -4.84 -3.55
CA LYS A 45 17.31 -5.55 -3.83
C LYS A 45 17.81 -5.23 -5.23
N ARG A 46 19.14 -5.12 -5.36
CA ARG A 46 19.77 -4.85 -6.64
C ARG A 46 19.85 -6.15 -7.43
N LEU A 47 19.46 -6.09 -8.70
CA LEU A 47 19.47 -7.23 -9.59
C LEU A 47 20.59 -7.12 -10.61
N ILE A 48 20.70 -5.96 -11.24
CA ILE A 48 21.68 -5.73 -12.28
C ILE A 48 22.38 -4.37 -12.21
N TYR A 49 23.64 -4.32 -12.60
CA TYR A 49 24.43 -3.09 -12.65
C TYR A 49 25.22 -3.11 -13.96
N ALA A 50 25.66 -1.94 -14.43
CA ALA A 50 26.42 -1.83 -15.67
C ALA A 50 25.63 -2.36 -16.87
N ALA A 51 24.31 -2.20 -16.80
CA ALA A 51 23.37 -2.63 -17.83
C ALA A 51 23.14 -4.13 -18.03
N SER A 52 24.20 -4.94 -17.91
CA SER A 52 24.06 -6.38 -18.13
C SER A 52 24.74 -7.31 -17.12
N THR A 53 25.39 -6.76 -16.10
CA THR A 53 26.06 -7.58 -15.10
C THR A 53 25.17 -7.91 -13.91
N LEU A 54 24.99 -9.20 -13.64
CA LEU A 54 24.16 -9.64 -12.53
C LEU A 54 24.82 -9.53 -11.17
N HIS A 55 24.01 -9.19 -10.18
CA HIS A 55 24.44 -9.08 -8.79
C HIS A 55 24.64 -10.53 -8.32
N SER A 56 25.59 -10.73 -7.41
CA SER A 56 25.88 -12.06 -6.90
C SER A 56 24.67 -12.75 -6.29
N GLY A 57 24.37 -13.94 -6.78
CA GLY A 57 23.25 -14.71 -6.24
C GLY A 57 21.93 -14.51 -6.95
N VAL A 58 21.91 -13.63 -7.94
CA VAL A 58 20.69 -13.36 -8.69
C VAL A 58 20.49 -14.46 -9.75
N PRO A 59 19.26 -15.00 -9.86
CA PRO A 59 18.94 -16.05 -10.83
C PRO A 59 19.36 -15.70 -12.24
N LYS A 60 19.92 -16.69 -12.95
CA LYS A 60 20.37 -16.50 -14.32
C LYS A 60 19.22 -16.28 -15.31
N ARG A 61 17.98 -16.39 -14.84
CA ARG A 61 16.84 -16.15 -15.71
C ARG A 61 16.68 -14.65 -15.99
N PHE A 62 17.35 -13.82 -15.19
CA PHE A 62 17.32 -12.37 -15.35
C PHE A 62 18.48 -11.96 -16.25
N SER A 63 18.25 -11.04 -17.17
CA SER A 63 19.30 -10.54 -18.06
C SER A 63 19.01 -9.10 -18.49
N GLY A 64 20.04 -8.35 -18.85
CA GLY A 64 19.85 -6.98 -19.28
C GLY A 64 20.53 -6.73 -20.61
N SER A 65 20.01 -5.81 -21.41
CA SER A 65 20.59 -5.49 -22.71
C SER A 65 20.33 -4.04 -23.11
N ARG A 66 20.93 -3.62 -24.21
CA ARG A 66 20.79 -2.25 -24.70
C ARG A 66 20.59 -2.23 -26.22
N SER A 67 19.70 -1.37 -26.67
CA SER A 67 19.44 -1.20 -28.09
C SER A 67 19.14 0.28 -28.25
N GLY A 68 20.15 1.04 -28.67
CA GLY A 68 19.98 2.47 -28.86
C GLY A 68 19.90 3.15 -27.50
N SER A 69 18.83 3.88 -27.30
CA SER A 69 18.62 4.59 -26.05
C SER A 69 17.77 3.76 -25.09
N ASP A 70 17.33 2.60 -25.58
CA ASP A 70 16.48 1.71 -24.79
C ASP A 70 17.26 0.62 -24.06
N TYR A 71 17.06 0.54 -22.75
CA TYR A 71 17.70 -0.47 -21.91
C TYR A 71 16.61 -1.41 -21.42
N SER A 72 16.82 -2.71 -21.58
CA SER A 72 15.82 -3.70 -21.16
C SER A 72 16.27 -4.72 -20.12
N LEU A 73 15.29 -5.19 -19.36
CA LEU A 73 15.48 -6.21 -18.34
C LEU A 73 14.58 -7.32 -18.83
N THR A 74 15.13 -8.52 -19.01
CA THR A 74 14.35 -9.63 -19.50
C THR A 74 14.38 -10.78 -18.49
N ILE A 75 13.21 -11.35 -18.23
CA ILE A 75 13.07 -12.51 -17.34
C ILE A 75 12.68 -13.62 -18.31
N SER A 76 13.60 -14.53 -18.58
CA SER A 76 13.36 -15.61 -19.53
C SER A 76 12.14 -16.49 -19.26
N SER A 77 11.87 -16.75 -17.98
CA SER A 77 10.72 -17.56 -17.60
C SER A 77 10.32 -17.20 -16.18
N LEU A 78 9.16 -16.55 -16.05
CA LEU A 78 8.66 -16.08 -14.77
C LEU A 78 8.38 -17.13 -13.70
N GLU A 79 8.84 -16.86 -12.49
CA GLU A 79 8.61 -17.74 -11.36
C GLU A 79 7.81 -16.95 -10.32
N SER A 80 7.18 -17.65 -9.39
CA SER A 80 6.34 -17.03 -8.36
C SER A 80 6.96 -15.86 -7.62
N GLU A 81 8.23 -16.01 -7.25
CA GLU A 81 8.94 -14.97 -6.51
C GLU A 81 9.27 -13.73 -7.33
N ASP A 82 9.07 -13.81 -8.65
CA ASP A 82 9.34 -12.69 -9.55
C ASP A 82 8.24 -11.66 -9.68
N PHE A 83 7.05 -11.96 -9.16
CA PHE A 83 5.94 -11.01 -9.26
C PHE A 83 6.13 -9.94 -8.20
N ALA A 84 6.66 -8.80 -8.63
CA ALA A 84 6.96 -7.66 -7.77
C ALA A 84 7.04 -6.37 -8.61
N ASP A 85 7.60 -5.32 -8.03
CA ASP A 85 7.76 -4.04 -8.72
C ASP A 85 9.22 -3.89 -9.13
N TYR A 86 9.45 -3.36 -10.33
CA TYR A 86 10.80 -3.16 -10.86
C TYR A 86 11.08 -1.71 -11.22
N TYR A 87 12.31 -1.25 -10.95
CA TYR A 87 12.74 0.11 -11.25
C TYR A 87 14.15 0.16 -11.84
N CYS A 88 14.37 1.04 -12.82
CA CYS A 88 15.69 1.20 -13.39
C CYS A 88 16.24 2.47 -12.74
N LEU A 89 17.55 2.63 -12.72
CA LEU A 89 18.19 3.78 -12.11
C LEU A 89 19.46 4.14 -12.87
N GLN A 90 19.59 5.39 -13.28
CA GLN A 90 20.80 5.81 -13.98
C GLN A 90 21.78 6.46 -13.00
N TYR A 91 23.07 6.29 -13.28
CA TYR A 91 24.15 6.82 -12.48
C TYR A 91 25.30 7.28 -13.37
N ALA A 92 24.93 7.84 -14.51
CA ALA A 92 25.92 8.37 -15.46
C ALA A 92 26.25 9.81 -15.05
N SER A 93 25.32 10.48 -14.38
CA SER A 93 25.53 11.85 -13.94
C SER A 93 24.69 12.14 -12.69
N TYR A 94 24.90 13.32 -12.11
CA TYR A 94 24.14 13.76 -10.95
C TYR A 94 23.10 14.77 -11.45
N PRO A 95 21.87 14.69 -10.93
CA PRO A 95 21.40 13.74 -9.92
C PRO A 95 21.08 12.35 -10.49
N ARG A 96 21.11 11.35 -9.62
CA ARG A 96 20.75 9.98 -9.99
C ARG A 96 19.24 10.06 -10.19
N THR A 97 18.70 9.40 -11.21
CA THR A 97 17.26 9.43 -11.46
C THR A 97 16.68 8.02 -11.66
N PHE A 98 15.43 7.82 -11.21
CA PHE A 98 14.74 6.53 -11.33
C PHE A 98 13.73 6.54 -12.46
N GLY A 99 13.38 5.35 -12.95
CA GLY A 99 12.35 5.24 -13.97
C GLY A 99 11.06 5.22 -13.17
N GLY A 100 9.92 5.37 -13.83
CA GLY A 100 8.65 5.37 -13.12
C GLY A 100 8.24 4.08 -12.43
N GLY A 101 8.77 2.95 -12.89
CA GLY A 101 8.43 1.68 -12.27
C GLY A 101 7.49 0.81 -13.08
N THR A 102 7.49 -0.48 -12.80
CA THR A 102 6.63 -1.42 -13.50
C THR A 102 6.14 -2.45 -12.48
N LYS A 103 4.82 -2.64 -12.42
CA LYS A 103 4.24 -3.61 -11.51
C LYS A 103 3.89 -4.85 -12.32
N VAL A 104 4.45 -5.99 -11.95
CA VAL A 104 4.17 -7.26 -12.64
C VAL A 104 3.24 -8.08 -11.76
N GLU A 105 2.03 -8.35 -12.26
CA GLU A 105 1.04 -9.11 -11.53
C GLU A 105 0.67 -10.41 -12.23
N ILE A 106 0.16 -11.37 -11.45
CA ILE A 106 -0.21 -12.68 -11.97
C ILE A 106 -1.52 -12.68 -12.73
N LYS A 107 -1.50 -13.22 -13.94
CA LYS A 107 -2.69 -13.32 -14.78
C LYS A 107 -3.42 -14.63 -14.45
N ARG A 108 -4.75 -14.58 -14.40
CA ARG A 108 -5.57 -15.78 -14.13
C ARG A 108 -6.90 -15.62 -14.86
N THR A 109 -7.78 -16.61 -14.79
CA THR A 109 -9.06 -16.51 -15.50
C THR A 109 -10.01 -15.50 -14.84
N VAL A 110 -10.95 -15.01 -15.62
CA VAL A 110 -11.92 -14.03 -15.12
C VAL A 110 -12.76 -14.58 -13.97
N ALA A 111 -12.87 -13.80 -12.90
CA ALA A 111 -13.64 -14.17 -11.71
C ALA A 111 -14.58 -13.02 -11.33
N ALA A 112 -15.88 -13.30 -11.28
CA ALA A 112 -16.88 -12.30 -10.92
C ALA A 112 -16.89 -12.12 -9.42
N PRO A 113 -17.16 -10.88 -8.96
CA PRO A 113 -17.17 -10.64 -7.52
C PRO A 113 -18.44 -11.09 -6.81
N SER A 114 -18.32 -11.32 -5.51
CA SER A 114 -19.42 -11.69 -4.65
C SER A 114 -19.71 -10.33 -4.02
N VAL A 115 -20.95 -9.84 -4.08
CA VAL A 115 -21.25 -8.51 -3.55
C VAL A 115 -22.11 -8.52 -2.28
N PHE A 116 -21.71 -7.71 -1.29
CA PHE A 116 -22.43 -7.61 -0.03
C PHE A 116 -22.57 -6.13 0.38
N ILE A 117 -23.70 -5.78 0.98
CA ILE A 117 -23.92 -4.41 1.43
C ILE A 117 -24.21 -4.41 2.93
N PHE A 118 -23.60 -3.46 3.65
CA PHE A 118 -23.74 -3.35 5.10
C PHE A 118 -24.31 -2.01 5.55
N PRO A 119 -25.42 -2.03 6.30
CA PRO A 119 -26.06 -0.81 6.81
C PRO A 119 -25.27 -0.34 8.03
N PRO A 120 -25.42 0.95 8.40
CA PRO A 120 -24.67 1.41 9.57
C PRO A 120 -25.26 0.83 10.87
N SER A 121 -24.43 0.76 11.91
CA SER A 121 -24.86 0.23 13.20
C SER A 121 -25.54 1.31 14.03
N ASP A 122 -26.37 0.88 14.98
CA ASP A 122 -27.06 1.82 15.86
C ASP A 122 -26.02 2.56 16.68
N GLU A 123 -24.94 1.85 17.01
CA GLU A 123 -23.87 2.41 17.82
C GLU A 123 -23.26 3.65 17.16
N GLN A 124 -23.04 3.58 15.86
CA GLN A 124 -22.45 4.70 15.13
C GLN A 124 -23.42 5.85 15.00
N LEU A 125 -24.70 5.54 14.80
CA LEU A 125 -25.73 6.59 14.65
C LEU A 125 -25.81 7.53 15.85
N LYS A 126 -25.37 7.05 17.02
CA LYS A 126 -25.37 7.86 18.23
C LYS A 126 -24.34 8.98 18.13
N SER A 127 -23.29 8.76 17.33
CA SER A 127 -22.24 9.76 17.16
C SER A 127 -22.56 10.76 16.05
N GLY A 128 -23.73 10.62 15.44
CA GLY A 128 -24.12 11.54 14.39
C GLY A 128 -23.61 11.26 12.98
N THR A 129 -23.00 10.11 12.77
CA THR A 129 -22.46 9.76 11.45
C THR A 129 -22.93 8.36 11.04
N ALA A 130 -23.08 8.15 9.74
CA ALA A 130 -23.52 6.86 9.21
C ALA A 130 -22.61 6.42 8.09
N SER A 131 -22.03 5.23 8.23
CA SER A 131 -21.15 4.67 7.21
C SER A 131 -21.83 3.44 6.60
N VAL A 132 -22.01 3.45 5.28
CA VAL A 132 -22.62 2.33 4.57
C VAL A 132 -21.48 1.71 3.79
N VAL A 133 -21.28 0.40 3.92
CA VAL A 133 -20.18 -0.26 3.23
C VAL A 133 -20.64 -1.29 2.20
N CYS A 134 -19.97 -1.30 1.05
CA CYS A 134 -20.25 -2.26 0.00
C CYS A 134 -18.95 -3.05 -0.21
N LEU A 135 -19.05 -4.37 -0.18
CA LEU A 135 -17.91 -5.25 -0.34
C LEU A 135 -17.96 -6.06 -1.65
N LEU A 136 -16.83 -6.11 -2.35
CA LEU A 136 -16.69 -6.86 -3.60
C LEU A 136 -15.61 -7.89 -3.23
N ASN A 137 -15.99 -9.16 -3.22
CA ASN A 137 -15.07 -10.22 -2.82
C ASN A 137 -14.54 -11.15 -3.92
N ASN A 138 -13.23 -11.38 -3.86
CA ASN A 138 -12.50 -12.28 -4.76
C ASN A 138 -12.81 -12.21 -6.27
N PHE A 139 -12.38 -11.13 -6.92
CA PHE A 139 -12.62 -10.97 -8.36
C PHE A 139 -11.33 -10.74 -9.16
N TYR A 140 -11.41 -10.87 -10.47
CA TYR A 140 -10.28 -10.65 -11.37
C TYR A 140 -10.88 -10.40 -12.74
N PRO A 141 -10.38 -9.41 -13.50
CA PRO A 141 -9.28 -8.46 -13.21
C PRO A 141 -9.62 -7.41 -12.14
N ARG A 142 -8.62 -6.59 -11.80
CA ARG A 142 -8.75 -5.55 -10.78
C ARG A 142 -9.83 -4.48 -11.07
N GLU A 143 -10.00 -4.13 -12.35
CA GLU A 143 -10.96 -3.10 -12.75
C GLU A 143 -12.40 -3.41 -12.36
N ALA A 144 -13.01 -2.50 -11.60
CA ALA A 144 -14.39 -2.65 -11.15
C ALA A 144 -15.00 -1.28 -10.87
N LYS A 145 -16.24 -1.07 -11.31
CA LYS A 145 -16.92 0.20 -11.10
C LYS A 145 -18.06 0.07 -10.07
N VAL A 146 -17.97 0.85 -9.00
CA VAL A 146 -18.97 0.84 -7.94
C VAL A 146 -19.73 2.17 -7.95
N GLN A 147 -21.06 2.10 -8.01
CA GLN A 147 -21.90 3.29 -8.03
C GLN A 147 -22.89 3.24 -6.87
N TRP A 148 -23.01 4.32 -6.13
CA TRP A 148 -23.94 4.40 -5.01
C TRP A 148 -25.20 5.13 -5.44
N LYS A 149 -26.35 4.66 -4.97
CA LYS A 149 -27.63 5.27 -5.29
C LYS A 149 -28.55 5.32 -4.08
N VAL A 150 -28.98 6.53 -3.72
CA VAL A 150 -29.89 6.70 -2.59
C VAL A 150 -31.23 7.15 -3.18
N ASP A 151 -32.26 6.35 -2.96
CA ASP A 151 -33.60 6.60 -3.49
C ASP A 151 -33.51 6.70 -5.02
N ASN A 152 -32.64 5.84 -5.58
CA ASN A 152 -32.37 5.74 -7.00
C ASN A 152 -31.78 7.01 -7.61
N ALA A 153 -31.06 7.76 -6.78
CA ALA A 153 -30.40 8.99 -7.19
C ALA A 153 -28.89 8.78 -6.97
N LEU A 154 -28.13 8.83 -8.06
CA LEU A 154 -26.69 8.63 -8.05
C LEU A 154 -25.93 9.58 -7.14
N GLN A 155 -24.95 9.05 -6.41
CA GLN A 155 -24.13 9.84 -5.49
C GLN A 155 -22.76 10.16 -6.08
N SER A 156 -22.09 11.17 -5.50
CA SER A 156 -20.77 11.58 -5.94
C SER A 156 -20.03 12.38 -4.86
N GLY A 157 -18.71 12.19 -4.78
CA GLY A 157 -17.91 12.92 -3.81
C GLY A 157 -18.01 12.53 -2.35
N ASN A 158 -18.88 11.56 -2.03
CA ASN A 158 -19.05 11.14 -0.65
C ASN A 158 -18.73 9.66 -0.40
N SER A 159 -17.90 9.09 -1.27
CA SER A 159 -17.50 7.67 -1.15
C SER A 159 -15.98 7.49 -1.19
N GLN A 160 -15.52 6.42 -0.55
CA GLN A 160 -14.09 6.08 -0.47
C GLN A 160 -13.88 4.60 -0.85
N GLU A 161 -12.83 4.33 -1.63
CA GLU A 161 -12.53 2.95 -2.05
C GLU A 161 -11.18 2.47 -1.53
N SER A 162 -11.10 1.17 -1.27
CA SER A 162 -9.88 0.54 -0.78
C SER A 162 -9.81 -0.87 -1.38
N VAL A 163 -8.66 -1.23 -1.93
CA VAL A 163 -8.48 -2.53 -2.57
C VAL A 163 -7.28 -3.27 -2.01
N THR A 164 -7.43 -4.59 -1.88
CA THR A 164 -6.37 -5.44 -1.34
C THR A 164 -5.30 -5.75 -2.39
N GLU A 165 -4.17 -6.28 -1.92
CA GLU A 165 -3.11 -6.68 -2.83
C GLU A 165 -3.56 -8.04 -3.40
N GLN A 166 -2.99 -8.44 -4.52
CA GLN A 166 -3.34 -9.71 -5.15
C GLN A 166 -3.04 -10.89 -4.22
N ASP A 167 -4.05 -11.71 -3.99
CA ASP A 167 -3.98 -12.87 -3.09
C ASP A 167 -2.96 -13.92 -3.52
N SER A 168 -2.16 -14.39 -2.57
CA SER A 168 -1.14 -15.40 -2.83
C SER A 168 -1.72 -16.75 -3.25
N LYS A 169 -2.88 -17.10 -2.70
CA LYS A 169 -3.53 -18.36 -3.03
C LYS A 169 -4.28 -18.38 -4.35
N ASP A 170 -5.33 -17.57 -4.48
CA ASP A 170 -6.13 -17.57 -5.70
C ASP A 170 -5.89 -16.45 -6.71
N SER A 171 -4.97 -15.55 -6.42
CA SER A 171 -4.65 -14.43 -7.32
C SER A 171 -5.80 -13.46 -7.59
N THR A 172 -6.75 -13.36 -6.66
CA THR A 172 -7.88 -12.46 -6.81
C THR A 172 -7.69 -11.18 -6.01
N TYR A 173 -8.62 -10.25 -6.17
CA TYR A 173 -8.63 -8.97 -5.47
C TYR A 173 -9.94 -8.81 -4.71
N SER A 174 -9.93 -7.94 -3.72
CA SER A 174 -11.14 -7.64 -2.93
C SER A 174 -11.17 -6.12 -2.79
N LEU A 175 -12.38 -5.56 -2.85
CA LEU A 175 -12.55 -4.11 -2.79
C LEU A 175 -13.72 -3.71 -1.88
N SER A 176 -13.54 -2.60 -1.18
CA SER A 176 -14.59 -2.10 -0.30
C SER A 176 -14.85 -0.63 -0.64
N SER A 177 -16.12 -0.24 -0.61
CA SER A 177 -16.52 1.14 -0.89
C SER A 177 -17.33 1.60 0.30
N THR A 178 -16.99 2.77 0.84
CA THR A 178 -17.68 3.30 2.00
C THR A 178 -18.32 4.66 1.70
N LEU A 179 -19.64 4.73 1.92
CA LEU A 179 -20.43 5.94 1.73
C LEU A 179 -20.60 6.54 3.12
N THR A 180 -20.30 7.82 3.27
CA THR A 180 -20.43 8.47 4.56
C THR A 180 -21.44 9.61 4.47
N LEU A 181 -22.42 9.59 5.37
CA LEU A 181 -23.47 10.60 5.42
C LEU A 181 -23.73 11.01 6.87
N SER A 182 -24.38 12.14 7.08
CA SER A 182 -24.70 12.59 8.43
C SER A 182 -25.95 11.81 8.84
N LYS A 183 -26.16 11.64 10.14
CA LYS A 183 -27.32 10.92 10.63
C LYS A 183 -28.62 11.57 10.10
N ALA A 184 -28.61 12.89 10.01
CA ALA A 184 -29.76 13.64 9.53
C ALA A 184 -30.06 13.29 8.08
N ASP A 185 -29.05 13.37 7.22
CA ASP A 185 -29.24 13.06 5.80
C ASP A 185 -29.61 11.59 5.60
N TYR A 186 -29.04 10.72 6.42
CA TYR A 186 -29.32 9.30 6.33
C TYR A 186 -30.79 9.03 6.66
N GLU A 187 -31.29 9.66 7.72
CA GLU A 187 -32.67 9.47 8.15
C GLU A 187 -33.76 10.12 7.29
N LYS A 188 -33.36 10.79 6.22
CA LYS A 188 -34.32 11.41 5.33
C LYS A 188 -34.50 10.61 4.04
N HIS A 189 -33.89 9.43 3.96
CA HIS A 189 -34.00 8.58 2.77
C HIS A 189 -34.36 7.14 3.07
N LYS A 190 -34.82 6.43 2.04
CA LYS A 190 -35.24 5.04 2.19
C LYS A 190 -34.31 3.98 1.62
N VAL A 191 -34.13 3.97 0.30
CA VAL A 191 -33.30 2.96 -0.33
C VAL A 191 -31.84 3.37 -0.57
N TYR A 192 -30.94 2.50 -0.14
CA TYR A 192 -29.49 2.68 -0.30
C TYR A 192 -29.02 1.49 -1.10
N ALA A 193 -28.47 1.75 -2.29
CA ALA A 193 -28.02 0.68 -3.17
C ALA A 193 -26.57 0.80 -3.63
N CYS A 194 -26.01 -0.34 -3.97
CA CYS A 194 -24.64 -0.45 -4.45
C CYS A 194 -24.70 -1.16 -5.80
N GLU A 195 -24.38 -0.45 -6.87
CA GLU A 195 -24.41 -1.02 -8.21
C GLU A 195 -22.99 -1.36 -8.65
N VAL A 196 -22.76 -2.63 -8.96
CA VAL A 196 -21.43 -3.10 -9.36
C VAL A 196 -21.37 -3.56 -10.81
N THR A 197 -20.31 -3.13 -11.50
CA THR A 197 -20.06 -3.47 -12.89
C THR A 197 -18.67 -4.11 -12.95
N HIS A 198 -18.55 -5.24 -13.64
CA HIS A 198 -17.28 -5.95 -13.76
C HIS A 198 -17.30 -6.83 -15.01
N GLN A 199 -16.11 -7.11 -15.56
CA GLN A 199 -15.97 -7.92 -16.76
C GLN A 199 -16.62 -9.30 -16.67
N GLY A 200 -16.64 -9.87 -15.47
CA GLY A 200 -17.23 -11.19 -15.28
C GLY A 200 -18.73 -11.21 -15.05
N LEU A 201 -19.38 -10.07 -15.14
CA LEU A 201 -20.84 -9.99 -14.93
C LEU A 201 -21.49 -9.54 -16.23
N SER A 202 -22.50 -10.28 -16.68
CA SER A 202 -23.21 -9.97 -17.93
C SER A 202 -23.95 -8.64 -17.86
N SER A 203 -24.47 -8.33 -16.68
CA SER A 203 -25.20 -7.10 -16.43
C SER A 203 -24.81 -6.67 -15.02
N PRO A 204 -24.88 -5.36 -14.73
CA PRO A 204 -24.53 -4.87 -13.40
C PRO A 204 -25.40 -5.48 -12.29
N VAL A 205 -24.77 -5.81 -11.18
CA VAL A 205 -25.48 -6.39 -10.04
C VAL A 205 -25.76 -5.26 -9.04
N THR A 206 -26.90 -5.34 -8.35
CA THR A 206 -27.28 -4.31 -7.38
C THR A 206 -27.69 -4.94 -6.05
N LYS A 207 -27.18 -4.39 -4.95
CA LYS A 207 -27.51 -4.87 -3.61
C LYS A 207 -28.04 -3.66 -2.82
N SER A 208 -29.13 -3.85 -2.07
CA SER A 208 -29.76 -2.78 -1.28
C SER A 208 -30.43 -3.31 0.00
N PHE A 209 -30.83 -2.44 0.93
CA PHE A 209 -31.45 -2.88 2.20
C PHE A 209 -32.70 -2.17 2.80
N ASN A 210 -33.07 -1.00 2.29
CA ASN A 210 -34.22 -0.23 2.81
C ASN A 210 -33.95 0.38 4.19
N ARG A 211 -34.55 -0.15 5.26
CA ARG A 211 -34.32 0.44 6.57
C ARG A 211 -33.59 -0.53 7.48
N GLY A 212 -32.29 -0.30 7.65
CA GLY A 212 -31.48 -1.16 8.49
C GLY A 212 -30.51 -0.32 9.31
N GLU A 213 -30.43 -0.63 10.59
CA GLU A 213 -29.54 0.07 11.51
C GLU A 213 -29.48 -0.69 12.82
N CYS A 214 -28.45 -1.51 12.98
CA CYS A 214 -28.27 -2.30 14.18
C CYS A 214 -26.79 -2.58 14.48
N GLN B 1 25.21 -10.73 9.23
CA GLN B 1 25.94 -10.29 8.00
C GLN B 1 25.99 -8.76 7.91
N VAL B 2 26.72 -8.26 6.92
CA VAL B 2 26.86 -6.82 6.71
C VAL B 2 25.59 -6.20 6.12
N GLN B 3 24.95 -5.33 6.91
CA GLN B 3 23.71 -4.69 6.50
C GLN B 3 23.55 -3.21 6.90
N LEU B 4 22.44 -2.62 6.47
CA LEU B 4 22.10 -1.23 6.75
C LEU B 4 20.90 -1.16 7.69
N GLN B 5 21.12 -0.59 8.87
CA GLN B 5 20.09 -0.48 9.88
C GLN B 5 19.59 0.96 9.97
N GLN B 6 18.29 1.14 9.80
CA GLN B 6 17.67 2.47 9.86
C GLN B 6 16.87 2.72 11.14
N SER B 7 16.75 3.98 11.51
CA SER B 7 16.01 4.37 12.71
C SER B 7 14.51 4.09 12.58
N GLY B 8 13.80 4.17 13.69
CA GLY B 8 12.36 3.90 13.71
C GLY B 8 11.43 4.96 13.18
N ALA B 9 10.13 4.66 13.21
CA ALA B 9 9.09 5.56 12.72
C ALA B 9 9.05 6.89 13.44
N GLU B 10 8.71 7.94 12.69
CA GLU B 10 8.64 9.30 13.23
C GLU B 10 7.27 9.93 12.98
N LEU B 11 6.77 10.69 13.94
CA LEU B 11 5.49 11.38 13.85
C LEU B 11 5.70 12.82 14.29
N VAL B 12 5.57 13.77 13.36
CA VAL B 12 5.75 15.19 13.66
C VAL B 12 4.65 16.09 13.11
N LYS B 13 4.64 17.32 13.60
CA LYS B 13 3.66 18.33 13.20
C LYS B 13 4.24 19.12 12.03
N PRO B 14 3.35 19.67 11.18
CA PRO B 14 3.89 20.42 10.04
C PRO B 14 4.64 21.67 10.54
N GLY B 15 5.77 21.96 9.90
CA GLY B 15 6.56 23.12 10.30
C GLY B 15 7.83 22.71 11.01
N ALA B 16 7.81 21.52 11.61
CA ALA B 16 8.96 21.01 12.35
C ALA B 16 10.04 20.39 11.47
N SER B 17 11.00 19.72 12.12
CA SER B 17 12.10 19.07 11.43
C SER B 17 12.34 17.69 12.03
N VAL B 18 12.99 16.82 11.25
CA VAL B 18 13.33 15.47 11.70
C VAL B 18 14.72 15.12 11.21
N LYS B 19 15.34 14.17 11.90
CA LYS B 19 16.68 13.69 11.54
C LYS B 19 16.64 12.18 11.64
N LEU B 20 16.67 11.52 10.49
CA LEU B 20 16.63 10.07 10.39
C LEU B 20 18.07 9.58 10.28
N SER B 21 18.32 8.33 10.69
CA SER B 21 19.68 7.77 10.61
C SER B 21 19.73 6.39 9.96
N CYS B 22 20.89 6.07 9.40
CA CYS B 22 21.15 4.80 8.75
C CYS B 22 22.57 4.40 9.10
N THR B 23 22.73 3.33 9.86
CA THR B 23 24.04 2.83 10.29
C THR B 23 24.42 1.56 9.55
N ALA B 24 25.66 1.53 9.06
CA ALA B 24 26.18 0.37 8.34
C ALA B 24 26.75 -0.59 9.36
N SER B 25 25.99 -1.65 9.66
CA SER B 25 26.41 -2.64 10.63
C SER B 25 27.57 -3.49 10.12
N GLY B 26 28.78 -3.16 10.56
CA GLY B 26 29.96 -3.89 10.15
C GLY B 26 30.58 -3.36 8.86
N PHE B 27 30.98 -2.09 8.87
CA PHE B 27 31.59 -1.47 7.70
C PHE B 27 32.67 -0.45 8.03
N ASN B 28 33.04 0.37 7.05
CA ASN B 28 34.09 1.38 7.25
C ASN B 28 33.79 2.69 6.51
N ILE B 29 34.75 3.61 6.53
CA ILE B 29 34.63 4.93 5.89
C ILE B 29 34.35 4.87 4.39
N LYS B 30 34.91 3.88 3.71
CA LYS B 30 34.71 3.71 2.27
C LYS B 30 33.27 3.28 2.02
N ASP B 31 32.65 2.71 3.05
CA ASP B 31 31.29 2.23 2.97
C ASP B 31 30.29 3.16 3.65
N THR B 32 30.75 4.34 4.04
CA THR B 32 29.87 5.32 4.66
C THR B 32 29.29 6.18 3.52
N TYR B 33 29.56 5.75 2.28
CA TYR B 33 29.06 6.40 1.07
C TYR B 33 27.60 5.92 1.01
N MET B 34 26.65 6.82 1.23
CA MET B 34 25.24 6.43 1.23
C MET B 34 24.28 7.32 0.44
N HIS B 35 23.27 6.69 -0.14
CA HIS B 35 22.22 7.36 -0.90
C HIS B 35 20.97 7.37 -0.03
N TRP B 36 20.09 8.35 -0.27
CA TRP B 36 18.83 8.44 0.48
C TRP B 36 17.72 8.57 -0.56
N VAL B 37 16.70 7.74 -0.42
CA VAL B 37 15.58 7.68 -1.36
C VAL B 37 14.24 7.84 -0.64
N LYS B 38 13.29 8.46 -1.34
CA LYS B 38 11.95 8.71 -0.82
C LYS B 38 10.88 7.93 -1.58
N GLN B 39 9.85 7.48 -0.88
CA GLN B 39 8.75 6.78 -1.53
C GLN B 39 7.42 7.12 -0.86
N ARG B 40 6.61 7.90 -1.57
CA ARG B 40 5.31 8.31 -1.07
C ARG B 40 4.39 7.10 -1.22
N PRO B 41 3.35 7.03 -0.37
CA PRO B 41 2.41 5.90 -0.41
C PRO B 41 1.86 5.59 -1.80
N LYS B 42 2.08 4.34 -2.24
CA LYS B 42 1.62 3.84 -3.55
C LYS B 42 2.28 4.52 -4.76
N GLN B 43 3.40 5.18 -4.54
CA GLN B 43 4.10 5.87 -5.63
C GLN B 43 5.49 5.28 -5.87
N GLY B 44 6.20 5.87 -6.84
CA GLY B 44 7.54 5.40 -7.19
C GLY B 44 8.65 5.89 -6.28
N LEU B 45 9.86 5.47 -6.61
CA LEU B 45 11.05 5.83 -5.85
C LEU B 45 11.60 7.17 -6.33
N GLU B 46 12.04 8.00 -5.38
CA GLU B 46 12.60 9.32 -5.68
C GLU B 46 13.98 9.46 -5.05
N TRP B 47 14.98 9.87 -5.82
CA TRP B 47 16.33 10.04 -5.29
C TRP B 47 16.44 11.42 -4.64
N ILE B 48 16.85 11.46 -3.38
CA ILE B 48 17.00 12.72 -2.68
C ILE B 48 18.43 13.24 -2.84
N GLY B 49 19.39 12.40 -2.49
CA GLY B 49 20.79 12.78 -2.61
C GLY B 49 21.74 11.73 -2.06
N ARG B 50 23.03 12.03 -2.08
CA ARG B 50 24.02 11.09 -1.58
C ARG B 50 25.21 11.80 -0.95
N ILE B 51 25.89 11.11 -0.04
CA ILE B 51 27.04 11.65 0.67
C ILE B 51 28.26 10.76 0.38
N ASP B 52 29.40 11.40 0.15
CA ASP B 52 30.67 10.74 -0.12
C ASP B 52 31.61 11.41 0.88
N PRO B 53 31.67 10.88 2.10
CA PRO B 53 32.53 11.43 3.17
C PRO B 53 34.03 11.47 2.89
N ALA B 54 34.54 10.53 2.13
CA ALA B 54 35.97 10.48 1.83
C ALA B 54 36.44 11.73 1.07
N ASN B 55 35.52 12.33 0.33
CA ASN B 55 35.82 13.53 -0.44
C ASN B 55 34.94 14.67 0.02
N VAL B 56 34.39 14.54 1.23
CA VAL B 56 33.47 15.51 1.83
C VAL B 56 32.53 16.13 0.79
N ASP B 57 31.92 15.27 0.00
CA ASP B 57 31.05 15.71 -1.07
C ASP B 57 29.60 15.25 -0.84
N THR B 58 28.64 16.08 -1.23
CA THR B 58 27.24 15.75 -1.08
C THR B 58 26.50 16.32 -2.30
N LYS B 59 25.66 15.48 -2.92
CA LYS B 59 24.89 15.86 -4.09
C LYS B 59 23.40 15.67 -3.80
N TYR B 60 22.56 16.57 -4.28
CA TYR B 60 21.12 16.49 -4.08
C TYR B 60 20.40 16.74 -5.38
N ASP B 61 19.16 16.32 -5.45
CA ASP B 61 18.33 16.57 -6.61
C ASP B 61 17.87 18.01 -6.36
N PRO B 62 17.85 18.87 -7.41
CA PRO B 62 17.42 20.27 -7.25
C PRO B 62 16.15 20.44 -6.42
N LYS B 63 15.20 19.51 -6.57
CA LYS B 63 13.94 19.56 -5.85
C LYS B 63 14.07 19.41 -4.34
N PHE B 64 15.19 18.89 -3.87
CA PHE B 64 15.42 18.72 -2.44
C PHE B 64 16.51 19.61 -1.88
N GLN B 65 17.07 20.50 -2.70
CA GLN B 65 18.13 21.40 -2.26
C GLN B 65 17.84 22.19 -0.99
N ASP B 66 16.61 22.67 -0.83
CA ASP B 66 16.24 23.45 0.35
C ASP B 66 15.66 22.59 1.46
N LYS B 67 15.04 21.48 1.07
CA LYS B 67 14.40 20.57 2.02
C LYS B 67 15.30 19.64 2.83
N ALA B 68 16.30 19.04 2.18
CA ALA B 68 17.18 18.08 2.84
C ALA B 68 18.65 18.47 3.04
N THR B 69 19.25 17.85 4.06
CA THR B 69 20.65 18.04 4.42
C THR B 69 21.17 16.70 4.90
N ILE B 70 22.16 16.15 4.21
CA ILE B 70 22.73 14.87 4.60
C ILE B 70 24.12 15.06 5.23
N THR B 71 24.33 14.46 6.40
CA THR B 71 25.61 14.55 7.11
C THR B 71 26.08 13.13 7.38
N ALA B 72 27.33 12.97 7.78
CA ALA B 72 27.86 11.64 8.04
C ALA B 72 28.84 11.61 9.21
N ASP B 73 28.72 10.56 10.01
CA ASP B 73 29.59 10.35 11.14
C ASP B 73 30.42 9.12 10.78
N THR B 74 31.61 9.36 10.25
CA THR B 74 32.52 8.30 9.81
C THR B 74 32.95 7.34 10.92
N SER B 75 32.98 7.82 12.16
CA SER B 75 33.38 7.00 13.30
C SER B 75 32.36 5.92 13.61
N SER B 76 31.08 6.25 13.47
CA SER B 76 30.00 5.31 13.74
C SER B 76 29.41 4.70 12.48
N LYS B 77 29.97 5.06 11.33
CA LYS B 77 29.50 4.57 10.03
C LYS B 77 27.99 4.83 9.87
N THR B 78 27.58 6.04 10.24
CA THR B 78 26.17 6.42 10.16
C THR B 78 25.98 7.72 9.38
N THR B 79 24.96 7.77 8.52
CA THR B 79 24.67 9.01 7.79
C THR B 79 23.32 9.48 8.31
N TYR B 80 23.09 10.79 8.29
CA TYR B 80 21.84 11.34 8.78
C TYR B 80 21.14 12.15 7.71
N LEU B 81 19.82 12.04 7.65
CA LEU B 81 19.01 12.78 6.70
C LEU B 81 18.16 13.75 7.50
N GLN B 82 18.47 15.03 7.37
CA GLN B 82 17.74 16.09 8.06
C GLN B 82 16.73 16.70 7.09
N LEU B 83 15.46 16.73 7.48
CA LEU B 83 14.38 17.29 6.65
C LEU B 83 13.73 18.42 7.43
N SER B 84 13.66 19.60 6.82
CA SER B 84 13.09 20.78 7.48
C SER B 84 11.74 21.29 6.92
N SER B 85 11.12 22.22 7.66
CA SER B 85 9.83 22.84 7.30
C SER B 85 8.86 21.84 6.67
N LEU B 86 8.62 20.76 7.40
CA LEU B 86 7.78 19.67 6.94
C LEU B 86 6.32 19.99 6.66
N THR B 87 5.80 19.37 5.60
CA THR B 87 4.41 19.51 5.19
C THR B 87 3.91 18.08 4.92
N SER B 88 2.63 17.97 4.58
CA SER B 88 2.01 16.67 4.29
C SER B 88 2.69 15.97 3.12
N GLU B 89 3.32 16.75 2.25
CA GLU B 89 4.01 16.23 1.08
C GLU B 89 5.25 15.41 1.46
N ASP B 90 5.68 15.54 2.71
CA ASP B 90 6.86 14.81 3.19
C ASP B 90 6.53 13.47 3.86
N THR B 91 5.24 13.17 3.99
CA THR B 91 4.82 11.90 4.58
C THR B 91 5.18 10.83 3.56
N ALA B 92 6.10 9.94 3.94
CA ALA B 92 6.56 8.89 3.04
C ALA B 92 7.49 7.93 3.78
N VAL B 93 8.05 6.97 3.05
CA VAL B 93 9.00 6.03 3.62
C VAL B 93 10.34 6.44 3.01
N TYR B 94 11.37 6.53 3.85
CA TYR B 94 12.70 6.92 3.39
C TYR B 94 13.68 5.75 3.52
N TYR B 95 14.38 5.45 2.43
CA TYR B 95 15.36 4.36 2.39
C TYR B 95 16.79 4.86 2.23
N CYS B 96 17.75 4.05 2.66
CA CYS B 96 19.16 4.38 2.50
C CYS B 96 19.78 3.22 1.73
N ALA B 97 20.78 3.52 0.91
CA ALA B 97 21.48 2.51 0.12
C ALA B 97 22.99 2.76 0.15
N SER B 98 23.77 1.70 0.04
CA SER B 98 25.23 1.83 0.07
C SER B 98 25.82 2.14 -1.32
N TYR B 99 27.15 2.16 -1.39
CA TYR B 99 27.87 2.41 -2.63
C TYR B 99 27.44 1.34 -3.65
N TYR B 100 27.15 1.78 -4.87
CA TYR B 100 26.70 0.92 -5.96
C TYR B 100 25.38 0.19 -5.73
N GLY B 101 24.62 0.63 -4.73
CA GLY B 101 23.34 0.02 -4.43
C GLY B 101 23.38 -1.46 -4.04
N ILE B 102 24.52 -1.90 -3.53
CA ILE B 102 24.69 -3.29 -3.12
C ILE B 102 23.79 -3.66 -1.93
N TYR B 103 23.73 -2.80 -0.92
CA TYR B 103 22.90 -3.04 0.26
C TYR B 103 21.87 -1.92 0.44
N TRP B 104 20.66 -2.28 0.85
CA TRP B 104 19.55 -1.34 1.08
C TRP B 104 18.99 -1.48 2.49
N GLY B 105 18.59 -0.36 3.09
CA GLY B 105 18.03 -0.39 4.43
C GLY B 105 16.59 -0.84 4.38
N GLN B 106 15.98 -1.03 5.55
CA GLN B 106 14.61 -1.49 5.63
C GLN B 106 13.57 -0.38 5.46
N GLY B 107 14.00 0.87 5.56
CA GLY B 107 13.06 1.97 5.41
C GLY B 107 12.57 2.54 6.72
N THR B 108 12.31 3.84 6.74
CA THR B 108 11.82 4.54 7.92
C THR B 108 10.57 5.33 7.50
N THR B 109 9.48 5.15 8.21
CA THR B 109 8.24 5.85 7.88
C THR B 109 8.18 7.17 8.64
N LEU B 110 7.81 8.23 7.93
CA LEU B 110 7.67 9.57 8.49
C LEU B 110 6.24 9.99 8.21
N THR B 111 5.53 10.42 9.24
CA THR B 111 4.14 10.89 9.08
C THR B 111 4.09 12.33 9.58
N VAL B 112 3.65 13.24 8.72
CA VAL B 112 3.52 14.65 9.09
C VAL B 112 2.04 15.01 9.16
N SER B 113 1.56 15.38 10.35
CA SER B 113 0.16 15.74 10.53
C SER B 113 -0.05 16.52 11.82
N SER B 114 -1.08 17.35 11.84
CA SER B 114 -1.41 18.15 13.02
C SER B 114 -2.34 17.41 13.96
N ALA B 115 -2.78 16.22 13.56
CA ALA B 115 -3.67 15.39 14.36
C ALA B 115 -2.93 14.80 15.56
N SER B 116 -3.67 14.51 16.62
CA SER B 116 -3.09 13.92 17.82
C SER B 116 -3.42 12.42 17.86
N THR B 117 -2.67 11.67 18.65
CA THR B 117 -2.88 10.23 18.78
C THR B 117 -4.28 9.96 19.36
N LYS B 118 -5.06 9.16 18.65
CA LYS B 118 -6.42 8.84 19.07
C LYS B 118 -6.73 7.37 18.76
N GLY B 119 -7.38 6.71 19.71
CA GLY B 119 -7.75 5.31 19.52
C GLY B 119 -8.95 5.20 18.60
N PRO B 120 -9.20 4.01 18.03
CA PRO B 120 -10.34 3.83 17.14
C PRO B 120 -11.68 3.46 17.78
N SER B 121 -12.72 3.61 16.98
CA SER B 121 -14.08 3.23 17.36
C SER B 121 -14.26 2.00 16.49
N VAL B 122 -14.77 0.91 17.06
CA VAL B 122 -14.99 -0.32 16.31
C VAL B 122 -16.49 -0.60 16.20
N PHE B 123 -17.00 -0.67 14.98
CA PHE B 123 -18.41 -0.92 14.74
C PHE B 123 -18.58 -2.23 13.98
N PRO B 124 -19.65 -2.98 14.26
CA PRO B 124 -19.84 -4.25 13.55
C PRO B 124 -20.47 -4.08 12.17
N LEU B 125 -20.08 -4.95 11.26
CA LEU B 125 -20.64 -4.99 9.91
C LEU B 125 -21.39 -6.32 9.99
N ALA B 126 -22.59 -6.24 10.55
CA ALA B 126 -23.44 -7.42 10.77
C ALA B 126 -23.86 -8.17 9.53
N PRO B 127 -23.93 -9.50 9.62
CA PRO B 127 -24.34 -10.28 8.46
C PRO B 127 -25.85 -10.17 8.28
N SER B 128 -26.29 -10.01 7.03
CA SER B 128 -27.71 -9.91 6.70
C SER B 128 -28.46 -8.69 7.22
N SER B 129 -29.38 -8.19 6.39
CA SER B 129 -30.21 -7.04 6.73
C SER B 129 -31.60 -7.51 7.18
N LYS B 130 -31.89 -8.79 6.93
CA LYS B 130 -33.15 -9.43 7.29
C LYS B 130 -33.20 -10.85 6.72
N SER B 131 -32.44 -11.06 5.65
CA SER B 131 -32.38 -12.35 4.96
C SER B 131 -31.79 -13.49 5.79
N THR B 132 -32.54 -14.57 5.91
CA THR B 132 -32.10 -15.74 6.66
C THR B 132 -31.22 -16.67 5.82
N SER B 133 -29.92 -16.66 6.09
CA SER B 133 -28.93 -17.49 5.39
C SER B 133 -28.84 -17.30 3.86
N GLY B 134 -28.07 -18.17 3.20
CA GLY B 134 -27.93 -18.06 1.74
C GLY B 134 -26.81 -18.85 1.07
N GLY B 135 -25.89 -19.41 1.86
CA GLY B 135 -24.77 -20.18 1.30
C GLY B 135 -23.50 -19.73 2.00
N THR B 136 -22.91 -18.65 1.51
CA THR B 136 -21.73 -18.08 2.13
C THR B 136 -22.14 -16.68 2.56
N ALA B 137 -21.91 -16.36 3.83
CA ALA B 137 -22.25 -15.07 4.40
C ALA B 137 -20.98 -14.27 4.63
N ALA B 138 -21.13 -12.96 4.81
CA ALA B 138 -20.00 -12.09 5.07
C ALA B 138 -20.30 -11.20 6.27
N LEU B 139 -19.28 -10.95 7.07
CA LEU B 139 -19.40 -10.10 8.24
C LEU B 139 -18.03 -9.46 8.49
N GLY B 140 -17.98 -8.45 9.35
CA GLY B 140 -16.71 -7.79 9.62
C GLY B 140 -16.78 -6.72 10.69
N CYS B 141 -15.74 -5.88 10.72
CA CYS B 141 -15.64 -4.79 11.68
C CYS B 141 -15.10 -3.54 11.00
N LEU B 142 -15.74 -2.40 11.28
CA LEU B 142 -15.33 -1.11 10.72
C LEU B 142 -14.45 -0.48 11.80
N VAL B 143 -13.17 -0.27 11.50
CA VAL B 143 -12.24 0.32 12.46
C VAL B 143 -12.10 1.78 12.03
N LYS B 144 -12.84 2.65 12.71
CA LYS B 144 -12.88 4.07 12.34
C LYS B 144 -12.27 5.14 13.27
N ASP B 145 -11.80 6.20 12.62
CA ASP B 145 -11.22 7.39 13.28
C ASP B 145 -10.06 7.19 14.25
N TYR B 146 -8.96 6.64 13.77
CA TYR B 146 -7.79 6.44 14.63
C TYR B 146 -6.58 7.15 14.02
N PHE B 147 -5.57 7.41 14.84
CA PHE B 147 -4.34 8.07 14.39
C PHE B 147 -3.23 7.85 15.40
N PRO B 148 -2.01 7.51 14.93
CA PRO B 148 -1.59 7.28 13.54
C PRO B 148 -1.73 5.78 13.24
N GLU B 149 -1.39 5.36 12.03
CA GLU B 149 -1.48 3.94 11.75
C GLU B 149 -0.14 3.32 12.12
N PRO B 150 -0.04 1.98 12.17
CA PRO B 150 -1.03 0.94 11.87
C PRO B 150 -1.92 0.49 13.02
N VAL B 151 -2.80 -0.44 12.70
CA VAL B 151 -3.72 -1.06 13.65
C VAL B 151 -3.71 -2.52 13.24
N THR B 152 -3.79 -3.44 14.20
CA THR B 152 -3.79 -4.86 13.88
C THR B 152 -5.16 -5.46 14.17
N VAL B 153 -5.65 -6.29 13.25
CA VAL B 153 -6.95 -6.93 13.43
C VAL B 153 -6.84 -8.44 13.25
N SER B 154 -7.36 -9.20 14.21
CA SER B 154 -7.37 -10.65 14.14
C SER B 154 -8.79 -11.09 14.45
N TRP B 155 -9.11 -12.35 14.13
CA TRP B 155 -10.44 -12.88 14.40
C TRP B 155 -10.36 -14.09 15.32
N ASN B 156 -11.23 -14.11 16.33
CA ASN B 156 -11.28 -15.21 17.31
C ASN B 156 -9.89 -15.46 17.91
N SER B 157 -9.20 -14.37 18.23
CA SER B 157 -7.87 -14.41 18.82
C SER B 157 -6.86 -15.18 17.97
N GLY B 158 -7.02 -15.12 16.65
CA GLY B 158 -6.10 -15.80 15.77
C GLY B 158 -6.51 -17.17 15.27
N ALA B 159 -7.63 -17.68 15.78
CA ALA B 159 -8.12 -19.00 15.40
C ALA B 159 -8.72 -19.02 14.00
N LEU B 160 -9.30 -17.90 13.58
CA LEU B 160 -9.93 -17.79 12.27
C LEU B 160 -9.06 -16.95 11.33
N THR B 161 -8.44 -17.59 10.35
CA THR B 161 -7.58 -16.90 9.40
C THR B 161 -8.06 -17.07 7.96
N SER B 162 -8.83 -18.13 7.71
CA SER B 162 -9.34 -18.39 6.37
C SER B 162 -10.50 -17.47 6.01
N GLY B 163 -10.44 -16.91 4.80
CA GLY B 163 -11.50 -16.02 4.35
C GLY B 163 -11.46 -14.59 4.88
N VAL B 164 -10.38 -14.24 5.57
CA VAL B 164 -10.22 -12.91 6.13
C VAL B 164 -9.55 -11.94 5.14
N HIS B 165 -10.11 -10.74 5.04
CA HIS B 165 -9.58 -9.68 4.19
C HIS B 165 -9.57 -8.40 4.99
N THR B 166 -8.38 -7.92 5.34
CA THR B 166 -8.24 -6.67 6.08
C THR B 166 -7.70 -5.66 5.08
N PHE B 167 -8.50 -4.65 4.79
CA PHE B 167 -8.16 -3.63 3.81
C PHE B 167 -7.16 -2.59 4.24
N PRO B 168 -6.41 -2.05 3.28
CA PRO B 168 -5.41 -1.01 3.57
C PRO B 168 -6.19 0.22 4.05
N ALA B 169 -5.65 0.91 5.05
CA ALA B 169 -6.32 2.09 5.59
C ALA B 169 -6.37 3.27 4.60
N VAL B 170 -7.37 4.13 4.78
CA VAL B 170 -7.51 5.33 3.96
C VAL B 170 -7.47 6.52 4.91
N LEU B 171 -6.96 7.64 4.40
CA LEU B 171 -6.88 8.86 5.19
C LEU B 171 -8.14 9.64 4.85
N GLN B 172 -8.96 9.89 5.87
CA GLN B 172 -10.21 10.62 5.72
C GLN B 172 -9.97 12.13 5.70
N SER B 173 -10.98 12.90 5.29
CA SER B 173 -10.88 14.36 5.23
C SER B 173 -10.73 15.04 6.59
N SER B 174 -10.92 14.28 7.67
CA SER B 174 -10.77 14.79 9.02
C SER B 174 -9.33 14.67 9.48
N GLY B 175 -8.52 13.95 8.69
CA GLY B 175 -7.12 13.74 9.05
C GLY B 175 -6.95 12.46 9.84
N LEU B 176 -8.03 11.69 9.97
CA LEU B 176 -8.02 10.43 10.71
C LEU B 176 -8.11 9.23 9.75
N TYR B 177 -7.60 8.08 10.19
CA TYR B 177 -7.62 6.86 9.36
C TYR B 177 -8.86 5.98 9.61
N SER B 178 -9.12 5.10 8.66
CA SER B 178 -10.24 4.17 8.74
C SER B 178 -9.98 2.95 7.84
N LEU B 179 -10.44 1.79 8.29
CA LEU B 179 -10.31 0.56 7.51
C LEU B 179 -11.34 -0.45 7.99
N SER B 180 -11.54 -1.50 7.21
CA SER B 180 -12.48 -2.54 7.60
C SER B 180 -11.85 -3.91 7.37
N SER B 181 -12.23 -4.87 8.21
CA SER B 181 -11.75 -6.23 8.11
C SER B 181 -12.99 -7.08 7.96
N VAL B 182 -13.04 -7.88 6.90
CA VAL B 182 -14.19 -8.74 6.65
C VAL B 182 -13.78 -10.20 6.58
N VAL B 183 -14.75 -11.09 6.71
CA VAL B 183 -14.49 -12.53 6.63
C VAL B 183 -15.73 -13.22 6.08
N THR B 184 -15.54 -14.15 5.15
CA THR B 184 -16.65 -14.91 4.58
C THR B 184 -16.74 -16.22 5.35
N VAL B 185 -17.92 -16.51 5.89
CA VAL B 185 -18.13 -17.73 6.67
C VAL B 185 -19.38 -18.45 6.16
N PRO B 186 -19.59 -19.72 6.57
CA PRO B 186 -20.78 -20.46 6.11
C PRO B 186 -22.05 -19.91 6.76
N SER B 187 -23.09 -19.72 5.96
CA SER B 187 -24.35 -19.19 6.50
C SER B 187 -24.92 -20.02 7.65
N SER B 188 -24.65 -21.32 7.62
CA SER B 188 -25.15 -22.24 8.64
C SER B 188 -24.56 -22.05 10.04
N SER B 189 -23.42 -21.36 10.12
CA SER B 189 -22.75 -21.14 11.40
C SER B 189 -23.13 -19.87 12.14
N LEU B 190 -23.89 -18.99 11.49
CA LEU B 190 -24.27 -17.71 12.07
C LEU B 190 -25.01 -17.76 13.40
N GLY B 191 -25.79 -18.80 13.65
CA GLY B 191 -26.52 -18.87 14.90
C GLY B 191 -25.85 -19.71 15.96
N THR B 192 -24.71 -20.31 15.65
CA THR B 192 -24.01 -21.16 16.61
C THR B 192 -22.54 -20.89 16.86
N GLN B 193 -21.87 -20.17 15.97
CA GLN B 193 -20.44 -19.87 16.15
C GLN B 193 -20.27 -18.41 16.57
N THR B 194 -19.33 -18.17 17.47
CA THR B 194 -19.08 -16.81 17.96
C THR B 194 -17.99 -16.15 17.11
N TYR B 195 -18.28 -14.97 16.58
CA TYR B 195 -17.31 -14.25 15.77
C TYR B 195 -16.97 -12.95 16.48
N ILE B 196 -15.68 -12.71 16.69
CA ILE B 196 -15.22 -11.51 17.40
C ILE B 196 -13.91 -11.00 16.80
N CYS B 197 -13.89 -9.71 16.47
CA CYS B 197 -12.69 -9.11 15.90
C CYS B 197 -11.89 -8.49 17.04
N ASN B 198 -10.60 -8.78 17.07
CA ASN B 198 -9.72 -8.26 18.11
C ASN B 198 -8.89 -7.16 17.47
N VAL B 199 -9.20 -5.93 17.85
CA VAL B 199 -8.48 -4.76 17.31
C VAL B 199 -7.47 -4.23 18.32
N ASN B 200 -6.25 -4.01 17.85
CA ASN B 200 -5.20 -3.50 18.72
C ASN B 200 -4.48 -2.31 18.08
N HIS B 201 -4.49 -1.19 18.78
CA HIS B 201 -3.85 0.03 18.31
C HIS B 201 -2.82 0.42 19.34
N LYS B 202 -1.59 -0.01 19.10
CA LYS B 202 -0.48 0.24 20.01
C LYS B 202 -0.17 1.70 20.34
N PRO B 203 -0.12 2.58 19.32
CA PRO B 203 0.18 3.99 19.57
C PRO B 203 -0.65 4.64 20.69
N SER B 204 -1.90 4.22 20.83
CA SER B 204 -2.76 4.78 21.85
C SER B 204 -3.03 3.80 22.99
N ASN B 205 -2.50 2.59 22.86
CA ASN B 205 -2.70 1.53 23.85
C ASN B 205 -4.18 1.17 23.97
N THR B 206 -4.84 1.00 22.84
CA THR B 206 -6.26 0.67 22.81
C THR B 206 -6.46 -0.76 22.30
N LYS B 207 -7.10 -1.59 23.13
CA LYS B 207 -7.38 -2.98 22.78
C LYS B 207 -8.90 -3.13 22.86
N VAL B 208 -9.54 -3.36 21.72
CA VAL B 208 -10.99 -3.50 21.68
C VAL B 208 -11.40 -4.83 21.06
N ASP B 209 -12.31 -5.53 21.71
CA ASP B 209 -12.83 -6.80 21.21
C ASP B 209 -14.32 -6.58 20.93
N LYS B 210 -14.73 -6.73 19.66
CA LYS B 210 -16.12 -6.54 19.28
C LYS B 210 -16.74 -7.81 18.70
N LYS B 211 -17.82 -8.26 19.34
CA LYS B 211 -18.55 -9.46 18.91
C LYS B 211 -19.50 -9.05 17.79
N VAL B 212 -19.41 -9.73 16.65
CA VAL B 212 -20.27 -9.43 15.50
C VAL B 212 -21.42 -10.44 15.46
N GLU B 213 -22.62 -10.00 15.83
CA GLU B 213 -23.80 -10.84 15.86
C GLU B 213 -24.79 -10.53 14.75
N PRO B 214 -25.48 -11.57 14.24
CA PRO B 214 -26.47 -11.39 13.17
C PRO B 214 -27.75 -10.79 13.73
N LYS B 215 -27.75 -9.47 13.91
CA LYS B 215 -28.92 -8.76 14.43
C LYS B 215 -30.06 -8.65 13.41
N SER B 216 -29.82 -9.18 12.21
CA SER B 216 -30.78 -9.19 11.11
C SER B 216 -31.35 -7.80 10.78
N CYS B 217 -30.50 -6.80 10.84
CA CYS B 217 -30.86 -5.41 10.57
C CYS B 217 -29.59 -4.58 10.48
#